data_3B54
#
_entry.id   3B54
#
_cell.length_a   185.920
_cell.length_b   185.920
_cell.length_c   185.920
_cell.angle_alpha   90.00
_cell.angle_beta   90.00
_cell.angle_gamma   90.00
#
_symmetry.space_group_name_H-M   'F 2 3'
#
loop_
_entity.id
_entity.type
_entity.pdbx_description
1 polymer 'Nucleoside diphosphate kinase'
2 non-polymer 'PHOSPHATE ION'
3 water water
#
_entity_poly.entity_id   1
_entity_poly.type   'polypeptide(L)'
_entity_poly.pdbx_seq_one_letter_code
;MGHHHHHHMSSQTERTFIAVKPDGVQRGLVSQILSRFEKKGYKLVAIKLVKADDKLLEQHYAEHVGKPFFPKMVSFMKSG
PILATVWEGKDVVRQGRTILGATNPLGSAPGTIRGDFGIDLGRNVCHGSDSVDSAEREINLWFKKEELVDWESNQAKWIY
E
;
_entity_poly.pdbx_strand_id   A,B
#
# COMPACT_ATOMS: atom_id res chain seq x y z
N SER A 10 -25.10 -10.22 3.84
CA SER A 10 -24.96 -9.69 5.23
C SER A 10 -24.22 -8.32 5.22
N SER A 11 -24.37 -7.54 6.29
CA SER A 11 -23.71 -6.25 6.37
C SER A 11 -22.35 -6.42 6.97
N GLN A 12 -21.40 -6.69 6.09
CA GLN A 12 -20.02 -6.90 6.42
C GLN A 12 -19.32 -5.93 5.50
N THR A 13 -19.86 -4.73 5.42
CA THR A 13 -19.34 -3.70 4.54
C THR A 13 -18.77 -2.57 5.37
N GLU A 14 -18.66 -2.83 6.67
CA GLU A 14 -18.04 -1.89 7.58
C GLU A 14 -16.62 -1.54 7.09
N ARG A 15 -16.28 -0.28 7.21
CA ARG A 15 -15.01 0.15 6.71
C ARG A 15 -14.40 1.03 7.73
N THR A 16 -13.17 0.78 8.12
CA THR A 16 -12.44 1.72 8.95
C THR A 16 -11.33 2.35 8.14
N PHE A 17 -10.80 3.43 8.69
CA PHE A 17 -9.69 4.14 8.12
C PHE A 17 -8.45 3.77 8.92
N ILE A 18 -7.45 3.25 8.27
CA ILE A 18 -6.24 2.93 8.99
C ILE A 18 -5.13 3.68 8.32
N ALA A 19 -4.52 4.62 9.03
CA ALA A 19 -3.39 5.29 8.44
C ALA A 19 -2.08 5.04 9.18
N VAL A 20 -1.02 4.85 8.44
CA VAL A 20 0.29 4.77 9.04
C VAL A 20 0.82 6.17 9.21
N LYS A 21 0.93 6.64 10.46
CA LYS A 21 1.52 7.97 10.75
C LYS A 21 2.94 8.10 10.15
N PRO A 22 3.56 9.32 10.10
CA PRO A 22 4.82 9.32 9.34
C PRO A 22 6.00 8.71 10.09
N ASP A 23 5.88 8.48 11.39
CA ASP A 23 6.93 7.66 11.99
C ASP A 23 6.87 6.30 11.34
N GLY A 24 5.73 5.66 11.45
CA GLY A 24 5.48 4.42 10.76
C GLY A 24 6.19 4.42 9.44
N VAL A 25 5.91 5.42 8.61
CA VAL A 25 6.34 5.34 7.22
C VAL A 25 7.86 5.37 7.15
N GLN A 26 8.49 6.33 7.84
CA GLN A 26 9.92 6.50 7.88
C GLN A 26 10.65 5.33 8.50
N ARG A 27 9.94 4.61 9.32
CA ARG A 27 10.61 3.64 10.09
C ARG A 27 10.62 2.36 9.28
N GLY A 28 9.91 2.34 8.16
CA GLY A 28 9.85 1.15 7.32
C GLY A 28 8.73 0.18 7.63
N LEU A 29 7.70 0.59 8.37
CA LEU A 29 6.72 -0.37 8.92
C LEU A 29 5.52 -0.61 8.04
N VAL A 30 5.60 -0.09 6.83
CA VAL A 30 4.43 -0.09 6.00
C VAL A 30 3.91 -1.49 5.75
N SER A 31 4.73 -2.36 5.14
CA SER A 31 4.25 -3.62 4.55
C SER A 31 3.83 -4.48 5.68
N GLN A 32 4.66 -4.35 6.70
CA GLN A 32 4.44 -4.95 7.97
C GLN A 32 3.02 -4.67 8.58
N ILE A 33 2.67 -3.40 8.71
CA ILE A 33 1.36 -3.05 9.19
C ILE A 33 0.25 -3.55 8.26
N LEU A 34 0.41 -3.34 6.96
CA LEU A 34 -0.57 -3.86 6.00
C LEU A 34 -0.75 -5.35 6.10
N SER A 35 0.26 -6.12 6.52
CA SER A 35 0.07 -7.57 6.76
C SER A 35 -1.06 -7.90 7.65
N ARG A 36 -1.11 -7.22 8.78
CA ARG A 36 -1.89 -7.71 9.87
C ARG A 36 -3.31 -7.60 9.40
N PHE A 37 -3.56 -6.61 8.54
CA PHE A 37 -4.89 -6.48 7.95
C PHE A 37 -5.19 -7.44 6.81
N GLU A 38 -4.33 -7.48 5.81
CA GLU A 38 -4.45 -8.45 4.76
C GLU A 38 -4.74 -9.88 5.27
N LYS A 39 -3.87 -10.38 6.15
CA LYS A 39 -3.95 -11.78 6.56
C LYS A 39 -5.10 -12.10 7.49
N LYS A 40 -5.61 -11.11 8.22
CA LYS A 40 -6.85 -11.29 8.97
C LYS A 40 -8.07 -11.57 8.06
N GLY A 41 -7.98 -11.18 6.80
CA GLY A 41 -9.05 -11.47 5.86
C GLY A 41 -9.76 -10.21 5.41
N TYR A 42 -9.25 -9.09 5.89
CA TYR A 42 -9.85 -7.82 5.60
C TYR A 42 -9.45 -7.38 4.21
N LYS A 43 -10.19 -6.41 3.68
CA LYS A 43 -10.23 -6.08 2.26
C LYS A 43 -9.68 -4.70 2.02
N LEU A 44 -8.56 -4.56 1.32
CA LEU A 44 -8.06 -3.21 1.03
C LEU A 44 -8.94 -2.63 -0.02
N VAL A 45 -9.28 -1.37 0.13
CA VAL A 45 -10.43 -0.81 -0.54
C VAL A 45 -10.06 0.55 -1.10
N ALA A 46 -9.02 1.12 -0.51
CA ALA A 46 -8.31 2.29 -1.06
C ALA A 46 -7.06 2.57 -0.24
N ILE A 47 -6.15 3.31 -0.85
CA ILE A 47 -4.80 3.52 -0.31
C ILE A 47 -4.13 4.64 -1.10
N LYS A 48 -3.51 5.57 -0.40
CA LYS A 48 -2.66 6.54 -1.02
C LYS A 48 -1.56 7.04 -0.07
N LEU A 49 -0.49 7.59 -0.65
CA LEU A 49 0.57 8.21 0.11
C LEU A 49 0.34 9.68 -0.06
N VAL A 50 0.38 10.40 1.03
CA VAL A 50 0.05 11.81 0.99
C VAL A 50 0.84 12.63 2.04
N LYS A 51 1.34 13.80 1.64
CA LYS A 51 1.88 14.71 2.61
C LYS A 51 0.68 15.51 3.07
N ALA A 52 0.43 15.50 4.38
CA ALA A 52 -0.73 16.16 4.97
C ALA A 52 -0.67 17.67 4.87
N ASP A 53 -1.86 18.23 4.62
CA ASP A 53 -2.21 19.66 4.39
C ASP A 53 -2.52 20.41 5.70
N ASP A 54 -2.16 21.67 5.79
CA ASP A 54 -2.64 22.53 6.91
C ASP A 54 -4.15 22.47 7.11
N LYS A 55 -4.89 22.54 5.99
CA LYS A 55 -6.34 22.41 5.95
C LYS A 55 -6.77 20.99 6.27
N LEU A 56 -6.46 20.07 5.37
CA LEU A 56 -6.76 18.67 5.58
C LEU A 56 -6.61 18.28 7.05
N LEU A 57 -5.60 18.80 7.72
CA LEU A 57 -5.33 18.41 9.11
C LEU A 57 -6.22 19.06 10.16
N GLU A 58 -6.26 20.38 10.12
CA GLU A 58 -6.97 21.13 11.13
C GLU A 58 -8.46 20.75 11.07
N GLN A 59 -8.84 20.00 10.04
CA GLN A 59 -10.23 19.62 9.86
C GLN A 59 -10.44 18.23 10.38
N HIS A 60 -9.35 17.46 10.32
CA HIS A 60 -9.29 16.09 10.82
C HIS A 60 -9.41 16.08 12.33
N TYR A 61 -8.38 16.61 13.00
CA TYR A 61 -8.34 16.65 14.46
C TYR A 61 -9.29 17.76 14.95
N ALA A 62 -10.61 17.58 14.71
CA ALA A 62 -11.66 18.59 14.88
C ALA A 62 -11.71 19.12 16.31
N PHE A 70 -0.89 21.12 21.87
CA PHE A 70 -0.68 20.38 20.61
C PHE A 70 -0.07 21.18 19.41
N PRO A 71 0.15 22.53 19.56
CA PRO A 71 0.82 23.29 18.47
C PRO A 71 1.98 22.56 17.75
N LYS A 72 2.69 21.70 18.48
CA LYS A 72 3.83 20.90 17.98
C LYS A 72 3.42 19.62 17.23
N MET A 73 2.22 19.13 17.53
CA MET A 73 1.72 17.89 16.94
C MET A 73 1.40 18.10 15.46
N VAL A 74 1.00 19.32 15.14
CA VAL A 74 0.72 19.72 13.78
C VAL A 74 1.88 19.41 12.83
N SER A 75 3.00 20.11 13.02
CA SER A 75 4.16 20.01 12.15
C SER A 75 4.90 18.66 12.24
N PHE A 76 4.49 17.83 13.19
CA PHE A 76 4.91 16.44 13.19
C PHE A 76 4.24 15.72 12.03
N MET A 77 2.92 15.86 11.97
CA MET A 77 2.13 15.14 10.99
C MET A 77 2.46 15.60 9.58
N LYS A 78 2.95 16.83 9.48
CA LYS A 78 3.36 17.42 8.20
C LYS A 78 4.76 16.98 7.81
N SER A 79 5.56 16.63 8.82
CA SER A 79 6.99 16.31 8.69
C SER A 79 7.36 15.01 7.92
N GLY A 80 6.37 14.22 7.49
CA GLY A 80 6.64 13.03 6.65
C GLY A 80 5.46 12.68 5.78
N PRO A 81 5.59 11.69 4.88
CA PRO A 81 4.37 11.34 4.20
C PRO A 81 3.56 10.40 5.07
N ILE A 82 2.29 10.22 4.72
CA ILE A 82 1.36 9.42 5.49
C ILE A 82 0.73 8.38 4.58
N LEU A 83 0.78 7.11 4.98
CA LEU A 83 -0.03 6.11 4.31
C LEU A 83 -1.47 6.01 4.83
N ALA A 84 -2.41 6.61 4.09
CA ALA A 84 -3.85 6.56 4.34
C ALA A 84 -4.43 5.33 3.68
N THR A 85 -5.07 4.44 4.44
CA THR A 85 -5.79 3.32 3.85
C THR A 85 -7.21 3.12 4.34
N VAL A 86 -7.98 2.39 3.54
CA VAL A 86 -9.32 2.04 3.93
C VAL A 86 -9.54 0.55 3.80
N TRP A 87 -10.13 -0.04 4.83
CA TRP A 87 -10.28 -1.48 4.92
C TRP A 87 -11.72 -1.85 5.23
N GLU A 88 -12.31 -2.68 4.37
CA GLU A 88 -13.70 -3.15 4.50
C GLU A 88 -13.76 -4.56 5.10
N GLY A 89 -14.84 -4.85 5.82
CA GLY A 89 -14.98 -6.15 6.48
C GLY A 89 -15.77 -5.98 7.77
N LYS A 90 -16.28 -7.09 8.30
CA LYS A 90 -17.13 -7.12 9.48
C LYS A 90 -16.43 -6.77 10.76
N ASP A 91 -17.08 -5.95 11.56
CA ASP A 91 -16.48 -5.44 12.77
C ASP A 91 -15.06 -4.92 12.56
N VAL A 92 -14.76 -4.39 11.37
CA VAL A 92 -13.39 -3.97 10.99
C VAL A 92 -12.87 -2.84 11.85
N VAL A 93 -13.75 -1.91 12.21
CA VAL A 93 -13.39 -0.78 13.06
C VAL A 93 -12.89 -1.23 14.41
N ARG A 94 -13.72 -1.97 15.14
CA ARG A 94 -13.23 -2.45 16.41
C ARG A 94 -12.06 -3.40 16.24
N GLN A 95 -12.05 -4.23 15.20
CA GLN A 95 -10.95 -5.17 15.08
C GLN A 95 -9.67 -4.42 14.74
N GLY A 96 -9.83 -3.30 14.05
CA GLY A 96 -8.72 -2.43 13.70
C GLY A 96 -8.10 -1.91 14.98
N ARG A 97 -8.93 -1.26 15.80
CA ARG A 97 -8.47 -0.74 17.06
C ARG A 97 -7.77 -1.85 17.84
N THR A 98 -8.29 -3.07 17.74
CA THR A 98 -7.74 -4.23 18.45
C THR A 98 -6.33 -4.50 17.93
N ILE A 99 -6.20 -4.70 16.61
CA ILE A 99 -4.91 -4.94 15.94
C ILE A 99 -3.87 -3.88 16.21
N LEU A 100 -4.28 -2.63 16.29
CA LEU A 100 -3.32 -1.58 16.59
C LEU A 100 -2.87 -1.60 18.04
N GLY A 101 -3.79 -1.92 18.94
CA GLY A 101 -3.48 -1.98 20.36
C GLY A 101 -3.64 -0.63 21.03
N ALA A 102 -3.63 -0.67 22.36
CA ALA A 102 -3.70 0.52 23.18
C ALA A 102 -2.95 1.70 22.55
N THR A 103 -3.54 2.88 22.62
CA THR A 103 -3.03 4.04 21.91
C THR A 103 -1.70 4.47 22.45
N ASN A 104 -1.55 4.44 23.79
CA ASN A 104 -0.20 4.53 24.38
C ASN A 104 0.61 3.23 24.25
N PRO A 105 1.62 3.21 23.36
CA PRO A 105 2.45 2.03 23.19
C PRO A 105 2.94 1.36 24.50
N LEU A 106 3.25 2.15 25.52
CA LEU A 106 3.76 1.63 26.80
C LEU A 106 2.75 0.82 27.64
N GLY A 107 1.58 0.60 27.07
CA GLY A 107 0.61 -0.25 27.71
C GLY A 107 -0.17 -1.03 26.68
N SER A 108 0.26 -1.05 25.42
CA SER A 108 -0.41 -1.93 24.47
C SER A 108 0.32 -3.23 24.50
N ALA A 109 -0.39 -4.32 24.20
CA ALA A 109 0.18 -5.70 24.34
C ALA A 109 0.98 -6.18 23.11
N PRO A 110 1.97 -7.07 23.29
CA PRO A 110 2.69 -7.61 22.14
C PRO A 110 1.74 -8.42 21.28
N GLY A 111 1.98 -8.43 19.98
CA GLY A 111 1.06 -8.99 19.03
C GLY A 111 0.34 -7.87 18.32
N THR A 112 0.30 -6.72 18.94
CA THR A 112 -0.37 -5.60 18.31
C THR A 112 0.67 -4.70 17.65
N ILE A 113 0.24 -3.87 16.72
CA ILE A 113 1.16 -3.02 15.98
C ILE A 113 1.85 -2.04 16.91
N ARG A 114 1.09 -1.47 17.82
CA ARG A 114 1.68 -0.51 18.73
C ARG A 114 2.64 -1.21 19.71
N GLY A 115 2.31 -2.43 20.15
CA GLY A 115 3.09 -3.14 21.17
C GLY A 115 4.35 -3.82 20.62
N ASP A 116 4.31 -4.11 19.32
CA ASP A 116 5.45 -4.66 18.60
C ASP A 116 6.46 -3.60 18.16
N PHE A 117 5.98 -2.41 17.77
CA PHE A 117 6.84 -1.41 17.12
C PHE A 117 7.05 -0.07 17.79
N GLY A 118 6.22 0.24 18.81
CA GLY A 118 6.11 1.59 19.37
C GLY A 118 6.62 1.77 20.79
N ILE A 119 6.98 3.02 21.14
CA ILE A 119 7.29 3.32 22.51
C ILE A 119 6.57 4.58 23.01
N ASP A 120 6.51 5.60 22.17
CA ASP A 120 6.07 6.89 22.67
C ASP A 120 4.65 7.14 22.25
N LEU A 121 3.79 7.48 23.21
CA LEU A 121 2.43 7.97 22.90
C LEU A 121 2.45 8.88 21.68
N GLY A 122 3.39 9.81 21.65
CA GLY A 122 3.52 10.77 20.58
C GLY A 122 4.00 10.18 19.27
N ARG A 123 4.71 9.05 19.31
CA ARG A 123 5.10 8.38 18.07
C ARG A 123 4.56 6.98 18.04
N ASN A 124 3.29 6.88 17.74
CA ASN A 124 2.62 5.65 17.94
C ASN A 124 2.24 5.06 16.60
N VAL A 125 3.11 5.33 15.62
CA VAL A 125 3.23 4.52 14.40
C VAL A 125 2.04 4.59 13.44
N CYS A 126 0.83 4.42 13.97
CA CYS A 126 -0.36 4.58 13.13
C CYS A 126 -1.61 5.09 13.87
N HIS A 127 -2.66 5.35 13.09
CA HIS A 127 -3.96 5.75 13.58
C HIS A 127 -5.03 4.86 12.95
N GLY A 128 -6.03 4.52 13.75
CA GLY A 128 -7.24 3.88 13.27
C GLY A 128 -8.49 4.60 13.77
N SER A 129 -9.65 4.25 13.23
CA SER A 129 -10.84 4.97 13.65
C SER A 129 -11.36 4.40 14.97
N ASP A 130 -12.16 5.18 15.70
CA ASP A 130 -12.74 4.66 16.94
C ASP A 130 -14.25 4.42 16.85
N SER A 131 -14.88 4.80 15.75
CA SER A 131 -16.30 4.57 15.60
C SER A 131 -16.59 4.43 14.14
N VAL A 132 -17.64 3.66 13.83
CA VAL A 132 -18.24 3.69 12.48
C VAL A 132 -18.48 5.16 12.03
N ASP A 133 -19.19 5.95 12.84
CA ASP A 133 -19.26 7.40 12.58
C ASP A 133 -17.87 8.10 12.45
N SER A 134 -16.89 7.74 13.29
CA SER A 134 -15.58 8.37 13.16
C SER A 134 -15.04 8.07 11.74
N ALA A 135 -14.86 6.78 11.46
CA ALA A 135 -14.34 6.25 10.20
C ALA A 135 -14.95 6.86 8.98
N GLU A 136 -16.27 6.86 8.91
CA GLU A 136 -16.98 7.30 7.70
C GLU A 136 -16.71 8.76 7.37
N ARG A 137 -16.73 9.62 8.39
CA ARG A 137 -16.41 11.03 8.20
C ARG A 137 -14.93 11.10 7.80
N GLU A 138 -14.08 10.32 8.48
CA GLU A 138 -12.61 10.32 8.26
C GLU A 138 -12.24 9.93 6.84
N ILE A 139 -12.81 8.83 6.36
CA ILE A 139 -12.61 8.39 4.98
C ILE A 139 -12.99 9.45 3.95
N ASN A 140 -14.20 10.02 4.06
CA ASN A 140 -14.70 11.02 3.12
C ASN A 140 -13.93 12.32 3.08
N LEU A 141 -13.12 12.54 4.11
CA LEU A 141 -12.23 13.67 4.17
C LEU A 141 -10.96 13.35 3.39
N TRP A 142 -10.35 12.24 3.79
CA TRP A 142 -9.15 11.70 3.21
C TRP A 142 -9.21 11.13 1.79
N PHE A 143 -10.40 10.69 1.34
CA PHE A 143 -10.63 10.19 -0.05
C PHE A 143 -11.94 10.68 -0.66
N LYS A 144 -11.97 10.80 -2.00
CA LYS A 144 -13.25 10.98 -2.70
C LYS A 144 -13.86 9.62 -2.93
N LYS A 145 -15.15 9.60 -3.18
CA LYS A 145 -15.89 8.34 -3.40
C LYS A 145 -15.42 7.57 -4.66
N GLU A 146 -15.01 8.28 -5.70
CA GLU A 146 -14.44 7.67 -6.90
C GLU A 146 -13.21 6.79 -6.62
N GLU A 147 -12.34 7.29 -5.74
CA GLU A 147 -11.06 6.65 -5.35
C GLU A 147 -11.16 5.26 -4.69
N LEU A 148 -12.33 4.96 -4.10
CA LEU A 148 -12.60 3.69 -3.40
C LEU A 148 -13.05 2.58 -4.36
N VAL A 149 -12.36 1.43 -4.26
CA VAL A 149 -12.66 0.25 -5.09
C VAL A 149 -13.57 -0.74 -4.40
N ASP A 150 -14.52 -1.32 -5.12
CA ASP A 150 -15.12 -2.56 -4.61
C ASP A 150 -15.01 -3.66 -5.59
N TRP A 151 -14.62 -4.81 -5.05
CA TRP A 151 -14.47 -6.04 -5.77
C TRP A 151 -14.97 -6.99 -4.71
N GLU A 152 -15.18 -8.26 -5.06
CA GLU A 152 -15.43 -9.25 -4.04
C GLU A 152 -14.11 -9.92 -3.75
N SER A 153 -13.73 -10.08 -2.48
CA SER A 153 -12.49 -10.80 -2.15
C SER A 153 -12.78 -12.26 -2.38
N ASN A 154 -11.92 -12.90 -3.15
CA ASN A 154 -12.07 -14.31 -3.52
C ASN A 154 -12.32 -15.19 -2.28
N GLN A 155 -11.57 -14.85 -1.22
CA GLN A 155 -11.56 -15.49 0.07
C GLN A 155 -12.82 -15.27 0.91
N ALA A 156 -13.64 -14.31 0.50
CA ALA A 156 -14.92 -13.98 1.15
C ALA A 156 -15.76 -15.19 1.54
N LYS A 157 -16.02 -16.06 0.56
CA LYS A 157 -16.79 -17.26 0.78
C LYS A 157 -16.25 -18.20 1.85
N TRP A 158 -15.01 -18.04 2.25
CA TRP A 158 -14.37 -18.98 3.17
C TRP A 158 -14.09 -18.26 4.48
N ILE A 159 -14.35 -16.97 4.44
CA ILE A 159 -14.04 -16.11 5.56
C ILE A 159 -15.27 -15.90 6.43
N TYR A 160 -16.42 -16.01 5.77
CA TYR A 160 -17.72 -15.63 6.30
C TYR A 160 -18.81 -16.66 6.02
N GLU A 161 -19.65 -16.83 7.03
CA GLU A 161 -20.83 -17.66 6.93
C GLU A 161 -21.86 -17.03 6.01
N SER B 10 23.61 12.77 -5.50
CA SER B 10 23.77 11.71 -6.55
C SER B 10 22.40 11.38 -7.21
N SER B 11 22.42 10.80 -8.40
CA SER B 11 21.20 10.46 -9.11
C SER B 11 20.74 9.09 -8.71
N GLN B 12 20.01 9.07 -7.60
CA GLN B 12 19.46 7.87 -7.04
C GLN B 12 17.99 8.19 -6.95
N THR B 13 17.46 8.75 -8.03
CA THR B 13 16.08 9.19 -8.09
C THR B 13 15.34 8.36 -9.12
N GLU B 14 16.01 7.34 -9.62
CA GLU B 14 15.39 6.38 -10.51
C GLU B 14 14.10 5.83 -9.87
N ARG B 15 13.08 5.65 -10.70
CA ARG B 15 11.82 5.23 -10.17
C ARG B 15 11.28 4.20 -11.09
N THR B 16 10.88 3.06 -10.56
CA THR B 16 10.19 2.08 -11.40
C THR B 16 8.74 1.98 -10.92
N PHE B 17 7.95 1.39 -11.80
CA PHE B 17 6.57 1.15 -11.54
C PHE B 17 6.42 -0.31 -11.15
N ILE B 18 5.87 -0.58 -9.98
CA ILE B 18 5.67 -1.96 -9.59
C ILE B 18 4.21 -2.13 -9.31
N ALA B 19 3.52 -2.92 -10.11
CA ALA B 19 2.13 -3.17 -9.81
C ALA B 19 1.85 -4.63 -9.46
N VAL B 20 1.01 -4.85 -8.47
CA VAL B 20 0.55 -6.18 -8.16
C VAL B 20 -0.65 -6.47 -9.04
N LYS B 21 -0.50 -7.37 -10.01
CA LYS B 21 -1.61 -7.83 -10.86
C LYS B 21 -2.82 -8.34 -10.03
N PRO B 22 -4.02 -8.57 -10.63
CA PRO B 22 -5.11 -8.87 -9.68
C PRO B 22 -5.07 -10.27 -9.09
N ASP B 23 -4.29 -11.18 -9.68
CA ASP B 23 -4.08 -12.42 -8.94
C ASP B 23 -3.42 -12.07 -7.63
N GLY B 24 -2.24 -11.50 -7.69
CA GLY B 24 -1.57 -10.98 -6.54
C GLY B 24 -2.55 -10.46 -5.51
N VAL B 25 -3.43 -9.54 -5.91
CA VAL B 25 -4.24 -8.84 -4.94
C VAL B 25 -5.22 -9.82 -4.29
N GLN B 26 -5.94 -10.58 -5.10
CA GLN B 26 -6.90 -11.57 -4.63
C GLN B 26 -6.31 -12.67 -3.79
N ARG B 27 -5.03 -12.87 -3.98
CA ARG B 27 -4.44 -13.99 -3.38
C ARG B 27 -3.92 -13.58 -2.03
N GLY B 28 -3.98 -12.29 -1.72
CA GLY B 28 -3.48 -11.80 -0.44
C GLY B 28 -2.02 -11.42 -0.40
N LEU B 29 -1.37 -11.23 -1.55
CA LEU B 29 0.09 -11.06 -1.58
C LEU B 29 0.55 -9.62 -1.48
N VAL B 30 -0.38 -8.74 -1.19
CA VAL B 30 0.00 -7.35 -1.23
C VAL B 30 1.13 -7.02 -0.29
N SER B 31 0.95 -7.22 1.03
CA SER B 31 1.83 -6.64 2.05
C SER B 31 3.16 -7.29 1.89
N GLN B 32 3.03 -8.58 1.64
CA GLN B 32 4.10 -9.43 1.32
C GLN B 32 5.00 -8.90 0.17
N ILE B 33 4.42 -8.63 -0.98
CA ILE B 33 5.18 -8.04 -2.07
C ILE B 33 5.81 -6.68 -1.65
N LEU B 34 5.00 -5.78 -1.10
CA LEU B 34 5.54 -4.49 -0.63
C LEU B 34 6.70 -4.62 0.35
N SER B 35 6.80 -5.70 1.12
CA SER B 35 7.98 -5.95 1.99
C SER B 35 9.27 -5.87 1.27
N ARG B 36 9.35 -6.60 0.16
CA ARG B 36 10.62 -6.93 -0.43
C ARG B 36 11.18 -5.62 -0.88
N PHE B 37 10.28 -4.71 -1.24
CA PHE B 37 10.74 -3.36 -1.61
C PHE B 37 11.09 -2.43 -0.45
N GLU B 38 10.17 -2.29 0.50
CA GLU B 38 10.45 -1.55 1.71
C GLU B 38 11.81 -1.96 2.34
N LYS B 39 11.99 -3.25 2.62
CA LYS B 39 13.14 -3.67 3.39
C LYS B 39 14.45 -3.60 2.63
N LYS B 40 14.40 -3.68 1.30
CA LYS B 40 15.59 -3.41 0.49
C LYS B 40 16.11 -1.97 0.66
N GLY B 41 15.24 -1.06 1.07
CA GLY B 41 15.67 0.31 1.35
C GLY B 41 15.04 1.27 0.37
N TYR B 42 14.19 0.74 -0.48
CA TYR B 42 13.59 1.53 -1.53
C TYR B 42 12.46 2.32 -0.95
N LYS B 43 12.01 3.34 -1.69
CA LYS B 43 11.19 4.45 -1.18
C LYS B 43 9.83 4.42 -1.81
N LEU B 44 8.78 4.21 -1.05
CA LEU B 44 7.44 4.23 -1.67
C LEU B 44 7.13 5.67 -1.95
N VAL B 45 6.55 5.92 -3.12
CA VAL B 45 6.58 7.27 -3.66
C VAL B 45 5.19 7.64 -4.17
N ALA B 46 4.41 6.59 -4.42
CA ALA B 46 2.97 6.67 -4.67
C ALA B 46 2.39 5.27 -4.78
N ILE B 47 1.08 5.18 -4.58
CA ILE B 47 0.39 3.91 -4.46
C ILE B 47 -1.12 4.19 -4.58
N LYS B 48 -1.82 3.36 -5.33
CA LYS B 48 -3.27 3.38 -5.34
C LYS B 48 -3.85 2.03 -5.72
N LEU B 49 -5.12 1.83 -5.36
CA LEU B 49 -5.84 0.64 -5.75
C LEU B 49 -6.77 1.09 -6.85
N VAL B 50 -6.77 0.34 -7.94
CA VAL B 50 -7.55 0.76 -9.10
C VAL B 50 -8.11 -0.43 -9.92
N LYS B 51 -9.36 -0.31 -10.35
CA LYS B 51 -9.89 -1.28 -11.28
C LYS B 51 -9.50 -0.68 -12.63
N ALA B 52 -8.78 -1.48 -13.42
CA ALA B 52 -8.30 -1.05 -14.74
C ALA B 52 -9.40 -0.80 -15.76
N ASP B 53 -9.15 0.27 -16.53
CA ASP B 53 -9.99 0.85 -17.61
C ASP B 53 -9.72 0.20 -18.98
N ASP B 54 -10.76 0.04 -19.80
CA ASP B 54 -10.56 -0.33 -21.22
C ASP B 54 -9.52 0.55 -21.94
N LYS B 55 -9.61 1.86 -21.69
CA LYS B 55 -8.68 2.87 -22.23
C LYS B 55 -7.33 2.73 -21.53
N LEU B 56 -7.29 3.06 -20.25
CA LEU B 56 -6.07 2.92 -19.49
C LEU B 56 -5.28 1.69 -19.93
N LEU B 57 -5.95 0.58 -20.21
CA LEU B 57 -5.23 -0.65 -20.54
C LEU B 57 -4.69 -0.73 -21.97
N GLU B 58 -5.57 -0.53 -22.93
CA GLU B 58 -5.21 -0.67 -24.31
C GLU B 58 -4.07 0.31 -24.66
N GLN B 59 -3.79 1.23 -23.73
CA GLN B 59 -2.78 2.25 -23.96
C GLN B 59 -1.49 1.82 -23.30
N HIS B 60 -1.65 1.05 -22.24
CA HIS B 60 -0.55 0.47 -21.50
C HIS B 60 0.19 -0.58 -22.35
N TYR B 61 -0.49 -1.68 -22.63
CA TYR B 61 0.09 -2.76 -23.42
C TYR B 61 0.12 -2.32 -24.90
N ALA B 62 0.93 -1.30 -25.20
CA ALA B 62 0.97 -0.59 -26.50
C ALA B 62 1.28 -1.51 -27.67
N PHE B 70 -4.18 -12.59 -27.35
CA PHE B 70 -4.35 -11.90 -26.05
C PHE B 70 -5.77 -11.34 -25.74
N PRO B 71 -6.75 -11.43 -26.71
CA PRO B 71 -8.14 -10.99 -26.40
C PRO B 71 -8.66 -11.34 -24.98
N LYS B 72 -8.18 -12.46 -24.42
CA LYS B 72 -8.55 -12.95 -23.08
C LYS B 72 -7.77 -12.31 -21.92
N MET B 73 -6.58 -11.80 -22.24
CA MET B 73 -5.71 -11.18 -21.24
C MET B 73 -6.30 -9.86 -20.76
N VAL B 74 -7.02 -9.20 -21.67
CA VAL B 74 -7.71 -7.97 -21.37
C VAL B 74 -8.61 -8.10 -20.12
N SER B 75 -9.66 -8.92 -20.26
CA SER B 75 -10.68 -9.05 -19.21
C SER B 75 -10.20 -9.78 -17.95
N PHE B 76 -8.97 -10.31 -18.01
CA PHE B 76 -8.30 -10.78 -16.82
C PHE B 76 -7.92 -9.56 -16.00
N MET B 77 -7.23 -8.62 -16.65
CA MET B 77 -6.70 -7.46 -15.95
C MET B 77 -7.81 -6.61 -15.37
N LYS B 78 -8.99 -6.69 -16.01
CA LYS B 78 -10.17 -5.96 -15.57
C LYS B 78 -10.90 -6.69 -14.44
N SER B 79 -10.68 -8.01 -14.36
CA SER B 79 -11.39 -8.91 -13.46
C SER B 79 -11.08 -8.76 -11.95
N GLY B 80 -10.14 -7.88 -11.57
CA GLY B 80 -9.85 -7.61 -10.16
C GLY B 80 -9.32 -6.21 -9.94
N PRO B 81 -9.11 -5.80 -8.68
CA PRO B 81 -8.44 -4.51 -8.61
C PRO B 81 -6.95 -4.75 -8.73
N ILE B 82 -6.21 -3.67 -8.98
CA ILE B 82 -4.78 -3.69 -9.20
C ILE B 82 -4.11 -2.74 -8.24
N LEU B 83 -3.09 -3.22 -7.52
CA LEU B 83 -2.24 -2.31 -6.76
C LEU B 83 -1.07 -1.74 -7.57
N ALA B 84 -1.23 -0.50 -8.04
CA ALA B 84 -0.21 0.29 -8.74
C ALA B 84 0.68 0.99 -7.74
N THR B 85 1.99 0.78 -7.80
CA THR B 85 2.92 1.54 -6.97
C THR B 85 4.12 2.11 -7.71
N VAL B 86 4.70 3.12 -7.11
CA VAL B 86 5.93 3.68 -7.63
C VAL B 86 6.99 3.73 -6.56
N TRP B 87 8.20 3.28 -6.92
CA TRP B 87 9.30 3.14 -5.99
C TRP B 87 10.55 3.82 -6.52
N GLU B 88 11.11 4.73 -5.70
CA GLU B 88 12.30 5.52 -6.01
C GLU B 88 13.54 4.92 -5.33
N GLY B 89 14.69 5.09 -5.97
CA GLY B 89 15.94 4.54 -5.44
C GLY B 89 16.86 4.14 -6.59
N LYS B 90 18.15 3.98 -6.29
CA LYS B 90 19.18 3.69 -7.27
C LYS B 90 19.08 2.33 -7.91
N ASP B 91 19.24 2.30 -9.21
CA ASP B 91 19.09 1.08 -9.96
C ASP B 91 17.77 0.36 -9.62
N VAL B 92 16.72 1.11 -9.27
CA VAL B 92 15.46 0.50 -8.74
C VAL B 92 14.74 -0.34 -9.79
N VAL B 93 14.82 0.10 -11.04
CA VAL B 93 14.22 -0.61 -12.16
C VAL B 93 14.80 -1.99 -12.33
N ARG B 94 16.10 -2.07 -12.53
CA ARG B 94 16.69 -3.39 -12.64
C ARG B 94 16.56 -4.19 -11.34
N GLN B 95 16.70 -3.55 -10.21
CA GLN B 95 16.57 -4.31 -8.97
C GLN B 95 15.14 -4.81 -8.76
N GLY B 96 14.19 -4.04 -9.31
CA GLY B 96 12.79 -4.41 -9.30
C GLY B 96 12.62 -5.71 -10.09
N ARG B 97 13.03 -5.66 -11.35
CA ARG B 97 12.98 -6.84 -12.19
C ARG B 97 13.65 -8.02 -11.47
N THR B 98 14.73 -7.77 -10.76
CA THR B 98 15.48 -8.81 -10.05
C THR B 98 14.58 -9.41 -8.95
N ILE B 99 14.06 -8.56 -8.06
CA ILE B 99 13.16 -8.97 -6.97
C ILE B 99 11.92 -9.71 -7.43
N LEU B 100 11.38 -9.33 -8.58
CA LEU B 100 10.23 -10.05 -9.10
C LEU B 100 10.60 -11.41 -9.65
N GLY B 101 11.76 -11.50 -10.27
CA GLY B 101 12.22 -12.75 -10.84
C GLY B 101 11.75 -12.94 -12.27
N ALA B 102 12.32 -13.95 -12.93
CA ALA B 102 11.92 -14.32 -14.27
C ALA B 102 10.39 -14.20 -14.46
N THR B 103 9.99 -13.70 -15.62
CA THR B 103 8.60 -13.39 -15.88
C THR B 103 7.73 -14.63 -15.91
N ASN B 104 8.23 -15.71 -16.53
CA ASN B 104 7.63 -17.04 -16.33
C ASN B 104 7.97 -17.66 -14.96
N PRO B 105 6.99 -17.68 -14.03
CA PRO B 105 7.20 -18.29 -12.72
C PRO B 105 7.93 -19.64 -12.70
N LEU B 106 7.68 -20.49 -13.70
CA LEU B 106 8.27 -21.84 -13.77
C LEU B 106 9.76 -21.89 -14.06
N GLY B 107 10.38 -20.72 -14.08
CA GLY B 107 11.80 -20.63 -14.24
C GLY B 107 12.36 -19.45 -13.49
N SER B 108 11.57 -18.82 -12.63
CA SER B 108 12.14 -17.80 -11.76
C SER B 108 12.61 -18.51 -10.53
N ALA B 109 13.63 -17.95 -9.86
CA ALA B 109 14.26 -18.59 -8.68
C ALA B 109 13.58 -18.29 -7.33
N PRO B 110 13.67 -19.20 -6.34
CA PRO B 110 13.11 -18.90 -5.02
C PRO B 110 13.84 -17.74 -4.38
N GLY B 111 13.12 -16.97 -3.59
CA GLY B 111 13.62 -15.73 -3.06
C GLY B 111 13.02 -14.59 -3.85
N THR B 112 12.52 -14.88 -5.02
CA THR B 112 11.90 -13.82 -5.78
C THR B 112 10.41 -13.95 -5.64
N ILE B 113 9.70 -12.88 -5.95
CA ILE B 113 8.26 -12.85 -5.77
C ILE B 113 7.59 -13.84 -6.69
N ARG B 114 8.06 -13.90 -7.92
CA ARG B 114 7.46 -14.83 -8.83
C ARG B 114 7.77 -16.29 -8.44
N GLY B 115 8.97 -16.56 -7.94
CA GLY B 115 9.38 -17.94 -7.59
C GLY B 115 8.86 -18.47 -6.25
N ASP B 116 8.51 -17.52 -5.38
CA ASP B 116 7.91 -17.82 -4.09
C ASP B 116 6.41 -18.03 -4.22
N PHE B 117 5.75 -17.24 -5.09
CA PHE B 117 4.28 -17.22 -5.11
C PHE B 117 3.54 -17.69 -6.33
N GLY B 118 4.27 -17.84 -7.46
CA GLY B 118 3.68 -18.00 -8.79
C GLY B 118 3.88 -19.34 -9.43
N ILE B 119 2.97 -19.70 -10.35
CA ILE B 119 3.17 -20.88 -11.16
C ILE B 119 2.95 -20.60 -12.65
N ASP B 120 1.94 -19.80 -12.99
CA ASP B 120 1.57 -19.69 -14.39
C ASP B 120 2.08 -18.42 -14.97
N LEU B 121 2.73 -18.51 -16.14
CA LEU B 121 3.11 -17.30 -16.89
C LEU B 121 1.97 -16.30 -16.92
N GLY B 122 0.77 -16.79 -17.16
CA GLY B 122 -0.42 -15.97 -17.23
C GLY B 122 -0.87 -15.41 -15.90
N ARG B 123 -0.53 -16.07 -14.80
CA ARG B 123 -0.86 -15.53 -13.48
C ARG B 123 0.41 -15.30 -12.68
N ASN B 124 1.09 -14.23 -12.98
CA ASN B 124 2.42 -14.10 -12.48
C ASN B 124 2.47 -12.94 -11.52
N VAL B 125 1.35 -12.78 -10.83
CA VAL B 125 1.27 -12.07 -9.53
C VAL B 125 1.51 -10.58 -9.59
N CYS B 126 2.58 -10.15 -10.27
CA CYS B 126 2.82 -8.73 -10.45
C CYS B 126 3.55 -8.37 -11.77
N HIS B 127 3.62 -7.06 -12.01
CA HIS B 127 4.38 -6.49 -13.13
C HIS B 127 5.37 -5.47 -12.60
N GLY B 128 6.52 -5.39 -13.25
CA GLY B 128 7.50 -4.31 -13.02
C GLY B 128 8.00 -3.73 -14.33
N SER B 129 8.67 -2.59 -14.29
CA SER B 129 9.08 -1.99 -15.56
C SER B 129 10.34 -2.68 -16.06
N ASP B 130 10.61 -2.59 -17.36
CA ASP B 130 11.85 -3.17 -17.91
C ASP B 130 12.89 -2.12 -18.31
N SER B 131 12.53 -0.85 -18.27
CA SER B 131 13.47 0.19 -18.64
C SER B 131 13.11 1.43 -17.88
N VAL B 132 14.11 2.27 -17.64
CA VAL B 132 13.88 3.67 -17.22
C VAL B 132 12.83 4.33 -18.14
N ASP B 133 13.07 4.32 -19.45
CA ASP B 133 12.03 4.73 -20.40
C ASP B 133 10.68 3.99 -20.24
N SER B 134 10.69 2.68 -19.99
CA SER B 134 9.43 1.97 -19.82
C SER B 134 8.69 2.60 -18.64
N ALA B 135 9.32 2.51 -17.46
CA ALA B 135 8.80 3.01 -16.19
C ALA B 135 8.22 4.40 -16.25
N GLU B 136 9.00 5.34 -16.78
CA GLU B 136 8.63 6.75 -16.76
C GLU B 136 7.33 7.00 -17.52
N ARG B 137 7.22 6.38 -18.68
CA ARG B 137 6.02 6.48 -19.49
C ARG B 137 4.87 5.81 -18.71
N GLU B 138 5.18 4.64 -18.10
CA GLU B 138 4.21 3.80 -17.36
C GLU B 138 3.63 4.53 -16.15
N ILE B 139 4.50 5.12 -15.34
CA ILE B 139 4.08 5.94 -14.22
C ILE B 139 3.18 7.12 -14.61
N ASN B 140 3.57 7.89 -15.63
CA ASN B 140 2.79 9.03 -16.06
C ASN B 140 1.43 8.72 -16.62
N LEU B 141 1.23 7.47 -16.99
CA LEU B 141 -0.04 6.97 -17.46
C LEU B 141 -0.92 6.65 -16.24
N TRP B 142 -0.38 5.77 -15.40
CA TRP B 142 -0.99 5.31 -14.17
C TRP B 142 -1.18 6.33 -13.03
N PHE B 143 -0.37 7.41 -13.00
CA PHE B 143 -0.51 8.51 -12.00
C PHE B 143 -0.32 9.90 -12.62
N LYS B 144 -0.93 10.92 -12.01
CA LYS B 144 -0.59 12.31 -12.34
C LYS B 144 0.58 12.71 -11.49
N LYS B 145 1.25 13.77 -11.89
CA LYS B 145 2.43 14.25 -11.18
C LYS B 145 2.14 14.75 -9.74
N GLU B 146 0.96 15.33 -9.52
CA GLU B 146 0.52 15.73 -8.18
C GLU B 146 0.50 14.57 -7.17
N GLU B 147 -0.01 13.42 -7.61
CA GLU B 147 -0.15 12.18 -6.81
C GLU B 147 1.14 11.59 -6.19
N LEU B 148 2.30 11.91 -6.79
CA LEU B 148 3.61 11.41 -6.34
C LEU B 148 4.20 12.26 -5.22
N VAL B 149 4.60 11.59 -4.13
CA VAL B 149 5.22 12.24 -2.97
C VAL B 149 6.74 12.21 -3.00
N ASP B 150 7.39 13.30 -2.61
CA ASP B 150 8.81 13.17 -2.25
C ASP B 150 9.03 13.67 -0.87
N TRP B 151 9.82 12.88 -0.15
CA TRP B 151 10.24 13.14 1.20
C TRP B 151 11.63 12.57 1.11
N GLU B 152 12.48 12.82 2.10
CA GLU B 152 13.74 12.11 2.19
C GLU B 152 13.54 10.92 3.11
N SER B 153 13.96 9.72 2.70
CA SER B 153 13.85 8.55 3.59
C SER B 153 14.89 8.69 4.65
N ASN B 154 14.47 8.56 5.90
CA ASN B 154 15.35 8.79 7.05
C ASN B 154 16.63 7.96 6.93
N GLN B 155 16.41 6.73 6.47
CA GLN B 155 17.39 5.70 6.23
C GLN B 155 18.35 5.96 5.08
N ALA B 156 18.04 6.94 4.23
CA ALA B 156 18.86 7.35 3.09
C ALA B 156 20.35 7.51 3.43
N LYS B 157 20.64 8.29 4.44
CA LYS B 157 22.01 8.49 4.89
C LYS B 157 22.79 7.22 5.22
N TRP B 158 22.10 6.10 5.43
CA TRP B 158 22.73 4.87 5.89
C TRP B 158 22.65 3.83 4.81
N ILE B 159 21.96 4.22 3.76
CA ILE B 159 21.65 3.30 2.69
C ILE B 159 22.61 3.54 1.53
N TYR B 160 23.11 4.77 1.48
CA TYR B 160 23.88 5.32 0.37
C TYR B 160 25.11 6.12 0.79
N GLU B 161 26.16 5.94 0.01
CA GLU B 161 27.38 6.70 0.15
C GLU B 161 27.17 8.14 -0.29
#